data_3VPQ
#
_entry.id   3VPQ
#
_cell.length_a   56.081
_cell.length_b   56.081
_cell.length_c   209.244
_cell.angle_alpha   90.00
_cell.angle_beta   90.00
_cell.angle_gamma   120.00
#
_symmetry.space_group_name_H-M   'P 65 2 2'
#
loop_
_entity.id
_entity.type
_entity.pdbx_description
1 polymer 'Glutathione S-transferase sigma'
2 non-polymer GLUTATHIONE
3 non-polymer S-1,2-PROPANEDIOL
4 non-polymer DI(HYDROXYETHYL)ETHER
5 non-polymer 'PENTAETHYLENE GLYCOL'
6 water water
#
_entity_poly.entity_id   1
_entity_poly.type   'polypeptide(L)'
_entity_poly.pdbx_seq_one_letter_code
;MPNVKFYYFPVKALGESQRLLLAYGGQEFEDNRISSENWPEFKPKTPFGQMPVLEIDGKQYAQSTAICRYLGRKYGLAGA
NDEEAFEIDQNVEFLNDIRASAASVHYEKDEAVKAKKKAELEETKYPFFFEKLNEILTKNNGHIALGKLTWGDFVYAGMY
DYLKAMLQKPDLEQKYPAFRKPIEAVLAIPKVKAYVDAAPRTEL
;
_entity_poly.pdbx_strand_id   A
#
# COMPACT_ATOMS: atom_id res chain seq x y z
N PRO A 2 -23.40 -4.56 -0.50
CA PRO A 2 -23.66 -3.15 -0.84
C PRO A 2 -23.19 -2.79 -2.26
N ASN A 3 -23.71 -1.69 -2.80
CA ASN A 3 -23.19 -1.21 -4.05
C ASN A 3 -21.87 -0.54 -3.76
N VAL A 4 -20.78 -1.10 -4.23
CA VAL A 4 -19.45 -0.52 -3.89
C VAL A 4 -18.73 -0.15 -5.15
N LYS A 5 -18.17 1.06 -5.18
CA LYS A 5 -17.44 1.48 -6.33
C LYS A 5 -16.10 1.99 -5.82
N PHE A 6 -15.01 1.67 -6.51
CA PHE A 6 -13.66 2.12 -6.07
C PHE A 6 -13.10 2.93 -7.22
N TYR A 7 -12.56 4.09 -6.93
CA TYR A 7 -12.02 4.96 -7.97
C TYR A 7 -10.55 5.20 -7.69
N TYR A 8 -9.70 4.87 -8.64
CA TYR A 8 -8.28 5.20 -8.54
C TYR A 8 -7.69 5.18 -9.95
N PHE A 9 -6.42 5.58 -10.08
CA PHE A 9 -5.72 5.46 -11.38
C PHE A 9 -5.43 4.01 -11.76
N PRO A 10 -5.05 3.75 -13.05
CA PRO A 10 -4.70 2.41 -13.50
C PRO A 10 -3.32 1.97 -13.10
N VAL A 11 -3.03 2.11 -11.80
CA VAL A 11 -1.79 1.62 -11.23
C VAL A 11 -2.09 1.07 -9.84
N LYS A 12 -1.07 0.51 -9.21
CA LYS A 12 -1.22 -0.06 -7.87
C LYS A 12 -0.99 1.03 -6.84
N ALA A 13 0.24 1.56 -6.80
CA ALA A 13 0.63 2.65 -5.88
C ALA A 13 -0.16 2.66 -4.57
N LEU A 14 -0.98 3.68 -4.34
CA LEU A 14 -1.65 3.86 -3.05
C LEU A 14 -3.01 3.15 -2.99
N GLY A 15 -3.51 2.67 -4.13
CA GLY A 15 -4.90 2.23 -4.21
C GLY A 15 -5.03 0.71 -4.23
N GLU A 16 -3.99 -0.01 -4.63
CA GLU A 16 -4.09 -1.47 -4.76
C GLU A 16 -4.45 -2.15 -3.43
N SER A 17 -3.98 -1.61 -2.31
CA SER A 17 -4.25 -2.25 -1.02
C SER A 17 -5.78 -2.32 -0.78
N GLN A 18 -6.52 -1.30 -1.23
CA GLN A 18 -7.99 -1.33 -1.05
C GLN A 18 -8.62 -2.38 -1.95
N ARG A 19 -8.18 -2.44 -3.19
CA ARG A 19 -8.69 -3.49 -4.08
C ARG A 19 -8.43 -4.86 -3.46
N LEU A 20 -7.26 -5.06 -2.88
CA LEU A 20 -6.93 -6.38 -2.35
C LEU A 20 -7.78 -6.68 -1.10
N LEU A 21 -8.01 -5.64 -0.31
CA LEU A 21 -8.82 -5.80 0.91
C LEU A 21 -10.24 -6.13 0.54
N LEU A 22 -10.76 -5.47 -0.49
CA LEU A 22 -12.13 -5.80 -0.96
C LEU A 22 -12.24 -7.23 -1.46
N ALA A 23 -11.23 -7.67 -2.18
CA ALA A 23 -11.18 -9.08 -2.61
C ALA A 23 -11.16 -9.99 -1.41
N TYR A 24 -10.37 -9.68 -0.40
CA TYR A 24 -10.32 -10.50 0.82
C TYR A 24 -11.71 -10.61 1.46
N GLY A 25 -12.39 -9.47 1.55
CA GLY A 25 -13.67 -9.42 2.24
C GLY A 25 -14.79 -10.07 1.49
N GLY A 26 -14.53 -10.50 0.26
CA GLY A 26 -15.58 -11.13 -0.53
C GLY A 26 -16.59 -10.09 -0.92
N GLN A 27 -16.10 -8.86 -1.08
CA GLN A 27 -16.93 -7.74 -1.47
C GLN A 27 -16.74 -7.42 -2.95
N GLU A 28 -17.71 -7.79 -3.79
CA GLU A 28 -17.69 -7.37 -5.19
C GLU A 28 -17.90 -5.87 -5.33
N PHE A 29 -17.20 -5.30 -6.32
CA PHE A 29 -17.12 -3.86 -6.46
C PHE A 29 -16.77 -3.49 -7.89
N GLU A 30 -17.18 -2.30 -8.31
CA GLU A 30 -16.77 -1.74 -9.60
C GLU A 30 -15.37 -1.19 -9.45
N ASP A 31 -14.39 -1.82 -10.10
CA ASP A 31 -13.00 -1.31 -10.11
C ASP A 31 -12.86 -0.20 -11.15
N ASN A 32 -13.12 1.03 -10.75
CA ASN A 32 -13.15 2.14 -11.70
C ASN A 32 -11.75 2.72 -11.87
N ARG A 33 -11.07 2.28 -12.92
CA ARG A 33 -9.70 2.69 -13.16
C ARG A 33 -9.78 3.87 -14.06
N ILE A 34 -9.48 5.04 -13.53
CA ILE A 34 -9.69 6.29 -14.23
C ILE A 34 -8.40 6.74 -14.89
N SER A 35 -8.43 6.94 -16.20
CA SER A 35 -7.20 7.36 -16.86
C SER A 35 -6.79 8.79 -16.47
N SER A 36 -5.50 9.09 -16.56
CA SER A 36 -5.07 10.49 -16.42
C SER A 36 -5.86 11.49 -17.31
N GLU A 37 -6.17 11.11 -18.54
CA GLU A 37 -6.81 12.06 -19.45
C GLU A 37 -8.25 12.39 -19.03
N ASN A 38 -8.91 11.43 -18.40
CA ASN A 38 -10.31 11.60 -18.01
C ASN A 38 -10.47 12.03 -16.56
N TRP A 39 -9.43 11.86 -15.79
CA TRP A 39 -9.45 12.23 -14.36
C TRP A 39 -10.06 13.59 -14.07
N PRO A 40 -9.69 14.64 -14.83
CA PRO A 40 -10.18 15.96 -14.38
C PRO A 40 -11.70 16.09 -14.27
N GLU A 41 -12.45 15.26 -15.00
CA GLU A 41 -13.90 15.39 -14.90
C GLU A 41 -14.40 14.76 -13.59
N PHE A 42 -13.61 13.88 -13.00
CA PHE A 42 -14.01 13.22 -11.75
C PHE A 42 -13.50 13.98 -10.54
N LYS A 43 -12.39 14.67 -10.73
CA LYS A 43 -11.71 15.33 -9.62
C LYS A 43 -12.62 16.22 -8.75
N PRO A 44 -13.50 17.05 -9.33
CA PRO A 44 -14.31 17.89 -8.43
C PRO A 44 -15.40 17.11 -7.70
N LYS A 45 -15.56 15.82 -8.01
CA LYS A 45 -16.64 15.04 -7.40
C LYS A 45 -16.10 14.26 -6.19
N THR A 46 -14.80 14.42 -5.93
CA THR A 46 -14.11 13.65 -4.87
C THR A 46 -14.05 14.51 -3.60
N PRO A 47 -13.81 13.87 -2.43
CA PRO A 47 -13.90 14.67 -1.20
C PRO A 47 -12.78 15.68 -1.09
N PHE A 48 -11.60 15.31 -1.55
CA PHE A 48 -10.43 16.19 -1.41
C PHE A 48 -9.80 16.60 -2.75
N GLY A 49 -10.35 16.14 -3.85
CA GLY A 49 -9.72 16.40 -5.13
C GLY A 49 -8.64 15.40 -5.53
N GLN A 50 -8.68 14.20 -4.94
N GLN A 50 -8.69 14.20 -4.94
CA GLN A 50 -7.69 13.18 -5.24
CA GLN A 50 -7.70 13.18 -5.24
C GLN A 50 -8.36 11.82 -5.27
C GLN A 50 -8.35 11.81 -5.23
N MET A 51 -7.62 10.82 -5.74
CA MET A 51 -7.99 9.43 -5.55
C MET A 51 -6.86 8.74 -4.73
N PRO A 52 -7.16 7.60 -4.09
CA PRO A 52 -8.36 6.75 -4.23
C PRO A 52 -9.61 7.32 -3.56
N VAL A 53 -10.78 6.90 -4.04
CA VAL A 53 -12.01 7.14 -3.33
C VAL A 53 -12.80 5.83 -3.32
N LEU A 54 -13.28 5.42 -2.15
CA LEU A 54 -14.17 4.22 -2.07
C LEU A 54 -15.58 4.71 -1.84
N GLU A 55 -16.55 4.21 -2.64
CA GLU A 55 -17.91 4.70 -2.50
C GLU A 55 -18.72 3.47 -2.10
N ILE A 56 -19.47 3.60 -1.01
CA ILE A 56 -20.28 2.49 -0.49
C ILE A 56 -21.69 3.00 -0.32
N ASP A 57 -22.63 2.48 -1.12
CA ASP A 57 -23.99 2.95 -1.06
C ASP A 57 -24.08 4.47 -1.20
N GLY A 58 -23.23 5.02 -2.08
CA GLY A 58 -23.29 6.44 -2.38
C GLY A 58 -22.46 7.34 -1.44
N LYS A 59 -21.94 6.76 -0.37
CA LYS A 59 -21.12 7.55 0.59
C LYS A 59 -19.68 7.37 0.25
N GLN A 60 -18.92 8.47 0.24
CA GLN A 60 -17.55 8.40 -0.18
C GLN A 60 -16.58 8.42 0.98
N TYR A 61 -15.57 7.59 0.83
CA TYR A 61 -14.46 7.46 1.76
C TYR A 61 -13.19 7.79 0.98
N ALA A 62 -12.44 8.78 1.42
CA ALA A 62 -11.14 9.07 0.83
C ALA A 62 -10.00 8.81 1.79
N GLN A 63 -8.78 8.96 1.28
CA GLN A 63 -7.54 8.77 2.06
C GLN A 63 -7.16 7.29 2.26
N SER A 64 -6.19 6.83 1.46
CA SER A 64 -5.85 5.44 1.36
C SER A 64 -5.68 4.71 2.67
N THR A 65 -4.84 5.23 3.56
CA THR A 65 -4.61 4.42 4.76
C THR A 65 -5.85 4.37 5.60
N ALA A 66 -6.59 5.48 5.66
CA ALA A 66 -7.79 5.51 6.48
C ALA A 66 -8.81 4.52 5.92
N ILE A 67 -8.88 4.41 4.60
CA ILE A 67 -9.82 3.40 3.97
C ILE A 67 -9.39 1.97 4.31
N CYS A 68 -8.10 1.65 4.18
CA CYS A 68 -7.61 0.30 4.50
C CYS A 68 -7.90 -0.05 5.96
N ARG A 69 -7.72 0.92 6.86
CA ARG A 69 -7.94 0.65 8.28
C ARG A 69 -9.41 0.33 8.49
N TYR A 70 -10.26 1.07 7.80
CA TYR A 70 -11.72 0.90 7.99
C TYR A 70 -12.12 -0.47 7.45
N LEU A 71 -11.67 -0.79 6.23
CA LEU A 71 -11.94 -2.13 5.67
C LEU A 71 -11.31 -3.23 6.54
N GLY A 72 -10.11 -2.99 7.07
CA GLY A 72 -9.50 -3.96 7.94
C GLY A 72 -10.38 -4.22 9.17
N ARG A 73 -10.90 -3.16 9.77
CA ARG A 73 -11.81 -3.32 10.92
C ARG A 73 -13.07 -4.10 10.51
N LYS A 74 -13.67 -3.76 9.37
CA LYS A 74 -14.89 -4.48 8.94
C LYS A 74 -14.60 -5.95 8.68
N TYR A 75 -13.39 -6.30 8.24
CA TYR A 75 -13.07 -7.68 7.92
C TYR A 75 -12.26 -8.42 9.01
N GLY A 76 -12.21 -7.86 10.22
CA GLY A 76 -11.58 -8.58 11.33
C GLY A 76 -10.07 -8.72 11.23
N LEU A 77 -9.46 -7.76 10.53
CA LEU A 77 -8.03 -7.75 10.31
C LEU A 77 -7.38 -6.61 11.06
N ALA A 78 -8.03 -6.08 12.09
CA ALA A 78 -7.48 -4.92 12.81
C ALA A 78 -7.17 -5.23 14.28
N GLY A 79 -6.96 -6.48 14.61
CA GLY A 79 -6.62 -6.85 15.98
C GLY A 79 -7.85 -7.09 16.85
N ALA A 80 -7.62 -7.47 18.09
CA ALA A 80 -8.74 -7.85 18.96
C ALA A 80 -8.98 -6.86 20.11
N ASN A 81 -8.12 -5.87 20.24
CA ASN A 81 -8.25 -4.87 21.28
C ASN A 81 -7.48 -3.65 20.85
N ASP A 82 -7.51 -2.62 21.69
CA ASP A 82 -6.88 -1.34 21.37
C ASP A 82 -5.37 -1.47 21.17
N GLU A 83 -4.70 -2.26 22.00
CA GLU A 83 -3.24 -2.37 21.93
C GLU A 83 -2.80 -3.09 20.63
N GLU A 84 -3.55 -4.11 20.20
CA GLU A 84 -3.20 -4.79 18.95
C GLU A 84 -3.47 -3.90 17.75
N ALA A 85 -4.59 -3.20 17.77
CA ALA A 85 -4.92 -2.27 16.69
C ALA A 85 -3.84 -1.20 16.60
N PHE A 86 -3.43 -0.72 17.75
CA PHE A 86 -2.34 0.26 17.79
C PHE A 86 -1.08 -0.27 17.05
N GLU A 87 -0.70 -1.52 17.31
CA GLU A 87 0.57 -2.00 16.76
C GLU A 87 0.51 -1.98 15.25
N ILE A 88 -0.64 -2.32 14.71
CA ILE A 88 -0.76 -2.30 13.25
C ILE A 88 -0.61 -0.86 12.77
N ASP A 89 -1.28 0.08 13.42
CA ASP A 89 -1.23 1.48 12.98
C ASP A 89 0.22 1.91 13.03
N GLN A 90 0.87 1.57 14.13
CA GLN A 90 2.26 1.98 14.35
C GLN A 90 3.18 1.47 13.23
N ASN A 91 3.05 0.20 12.86
CA ASN A 91 4.02 -0.36 11.93
C ASN A 91 3.69 0.15 10.55
N VAL A 92 2.41 0.41 10.28
CA VAL A 92 2.08 0.98 8.96
C VAL A 92 2.57 2.43 8.86
N GLU A 93 2.54 3.16 9.97
CA GLU A 93 3.05 4.52 9.93
C GLU A 93 4.54 4.52 9.72
N PHE A 94 5.25 3.50 10.19
CA PHE A 94 6.70 3.39 9.83
C PHE A 94 6.86 3.14 8.33
N LEU A 95 6.04 2.23 7.79
N LEU A 95 6.02 2.25 7.80
CA LEU A 95 6.09 1.99 6.35
CA LEU A 95 6.06 1.98 6.37
C LEU A 95 5.89 3.27 5.57
C LEU A 95 5.89 3.26 5.59
N ASN A 96 4.96 4.12 6.03
CA ASN A 96 4.70 5.37 5.32
C ASN A 96 5.96 6.29 5.33
N ASP A 97 6.76 6.21 6.39
CA ASP A 97 8.00 7.01 6.38
C ASP A 97 8.94 6.51 5.31
N ILE A 98 8.97 5.21 5.09
CA ILE A 98 9.88 4.70 4.05
C ILE A 98 9.37 5.20 2.73
N ARG A 99 8.05 5.06 2.51
CA ARG A 99 7.46 5.57 1.26
C ARG A 99 7.74 7.06 1.07
N ALA A 100 7.56 7.85 2.12
CA ALA A 100 7.74 9.30 1.98
C ALA A 100 9.19 9.58 1.61
N SER A 101 10.13 8.79 2.17
CA SER A 101 11.57 9.08 1.90
C SER A 101 11.89 8.72 0.48
N ALA A 102 11.34 7.61 0.01
CA ALA A 102 11.58 7.26 -1.38
C ALA A 102 10.93 8.27 -2.33
N ALA A 103 9.75 8.78 -1.96
CA ALA A 103 9.01 9.70 -2.82
C ALA A 103 9.79 11.00 -2.97
N SER A 104 10.52 11.39 -1.93
CA SER A 104 11.24 12.64 -1.99
C SER A 104 12.34 12.59 -3.05
N VAL A 105 12.81 11.39 -3.35
CA VAL A 105 13.81 11.20 -4.42
C VAL A 105 13.12 11.04 -5.76
N HIS A 106 12.08 10.21 -5.79
CA HIS A 106 11.49 9.82 -7.05
C HIS A 106 10.83 10.97 -7.80
N TYR A 107 10.22 11.89 -7.05
CA TYR A 107 9.46 12.97 -7.67
C TYR A 107 10.29 14.23 -7.87
N GLU A 108 11.58 14.15 -7.53
CA GLU A 108 12.53 15.20 -7.90
C GLU A 108 12.72 15.23 -9.41
N LYS A 109 12.24 16.29 -10.06
CA LYS A 109 12.32 16.36 -11.52
C LYS A 109 13.67 16.85 -12.05
N ASP A 110 14.50 17.40 -11.19
CA ASP A 110 15.85 17.79 -11.58
C ASP A 110 16.83 16.63 -11.38
N GLU A 111 17.32 16.04 -12.48
CA GLU A 111 18.02 14.77 -12.35
C GLU A 111 19.30 14.89 -11.53
N ALA A 112 19.90 16.09 -11.55
CA ALA A 112 21.10 16.36 -10.77
C ALA A 112 20.77 16.37 -9.25
N VAL A 113 19.75 17.12 -8.86
CA VAL A 113 19.38 17.16 -7.46
C VAL A 113 18.84 15.80 -6.99
N LYS A 114 18.09 15.13 -7.85
CA LYS A 114 17.63 13.78 -7.57
C LYS A 114 18.81 12.91 -7.21
N ALA A 115 19.92 13.08 -7.94
CA ALA A 115 21.11 12.26 -7.73
C ALA A 115 21.74 12.48 -6.35
N LYS A 116 21.80 13.73 -5.88
CA LYS A 116 22.45 13.98 -4.60
C LYS A 116 21.54 13.57 -3.42
N LYS A 117 20.25 13.82 -3.57
CA LYS A 117 19.27 13.36 -2.56
C LYS A 117 19.37 11.84 -2.37
N LYS A 118 19.43 11.11 -3.47
CA LYS A 118 19.53 9.67 -3.43
C LYS A 118 20.79 9.24 -2.68
N ALA A 119 21.91 9.83 -3.05
CA ALA A 119 23.17 9.46 -2.42
C ALA A 119 23.09 9.71 -0.92
N GLU A 120 22.46 10.82 -0.56
CA GLU A 120 22.39 11.20 0.83
C GLU A 120 21.51 10.21 1.62
N LEU A 121 20.40 9.79 1.02
CA LEU A 121 19.51 8.81 1.68
C LEU A 121 20.19 7.44 1.78
N GLU A 122 21.03 7.09 0.80
CA GLU A 122 21.73 5.81 0.84
C GLU A 122 22.64 5.66 2.05
N GLU A 123 23.18 6.78 2.53
CA GLU A 123 24.10 6.73 3.65
C GLU A 123 23.45 7.08 4.98
N THR A 124 22.24 7.66 4.96
CA THR A 124 21.70 8.21 6.20
C THR A 124 20.33 7.74 6.66
N LYS A 125 19.47 7.26 5.76
CA LYS A 125 18.15 6.80 6.19
C LYS A 125 17.89 5.41 5.65
N TYR A 126 18.19 5.18 4.38
CA TYR A 126 17.82 3.88 3.83
C TYR A 126 18.42 2.67 4.58
N PRO A 127 19.75 2.67 4.89
CA PRO A 127 20.26 1.49 5.58
C PRO A 127 19.46 1.26 6.88
N PHE A 128 19.10 2.31 7.62
CA PHE A 128 18.43 2.14 8.91
C PHE A 128 16.98 1.65 8.66
N PHE A 129 16.34 2.24 7.66
CA PHE A 129 14.95 1.80 7.31
C PHE A 129 14.94 0.32 6.98
N PHE A 130 15.84 -0.12 6.12
CA PHE A 130 15.78 -1.51 5.65
C PHE A 130 16.10 -2.47 6.80
N GLU A 131 17.07 -2.14 7.65
CA GLU A 131 17.40 -3.06 8.74
C GLU A 131 16.17 -3.11 9.64
N LYS A 132 15.53 -1.94 9.86
CA LYS A 132 14.40 -1.88 10.81
C LYS A 132 13.23 -2.66 10.21
N LEU A 133 13.01 -2.51 8.92
CA LEU A 133 11.91 -3.29 8.32
C LEU A 133 12.20 -4.78 8.40
N ASN A 134 13.46 -5.19 8.16
CA ASN A 134 13.81 -6.58 8.27
C ASN A 134 13.57 -7.08 9.70
N GLU A 135 13.91 -6.28 10.69
CA GLU A 135 13.63 -6.69 12.07
C GLU A 135 12.13 -6.92 12.29
N ILE A 136 11.32 -5.97 11.83
CA ILE A 136 9.88 -6.03 12.05
C ILE A 136 9.30 -7.22 11.35
N LEU A 137 9.68 -7.43 10.08
CA LEU A 137 9.14 -8.61 9.35
C LEU A 137 9.62 -9.91 10.00
N THR A 138 10.80 -9.92 10.56
CA THR A 138 11.29 -11.13 11.18
C THR A 138 10.56 -11.39 12.49
N LYS A 139 10.45 -10.34 13.33
CA LYS A 139 9.73 -10.43 14.61
C LYS A 139 8.32 -10.93 14.37
N ASN A 140 7.76 -10.55 13.24
CA ASN A 140 6.33 -10.86 12.97
C ASN A 140 6.16 -11.96 11.95
N ASN A 141 7.21 -12.76 11.75
CA ASN A 141 7.10 -14.00 11.01
C ASN A 141 6.57 -13.78 9.60
N GLY A 142 7.14 -12.79 8.91
CA GLY A 142 6.75 -12.51 7.54
C GLY A 142 5.58 -11.54 7.41
N HIS A 143 5.11 -10.92 8.51
CA HIS A 143 4.00 -9.99 8.48
C HIS A 143 4.43 -8.63 8.99
N ILE A 144 3.62 -7.62 8.71
CA ILE A 144 3.95 -6.24 9.14
C ILE A 144 3.68 -6.05 10.63
N ALA A 145 2.73 -6.82 11.19
CA ALA A 145 2.33 -6.67 12.60
C ALA A 145 1.64 -7.88 13.16
N LEU A 146 1.70 -7.98 14.50
CA LEU A 146 1.01 -8.98 15.31
C LEU A 146 1.42 -10.42 15.01
N GLY A 147 2.45 -10.62 14.21
CA GLY A 147 2.87 -11.95 13.83
C GLY A 147 1.83 -12.70 13.02
N LYS A 148 0.89 -12.00 12.40
CA LYS A 148 -0.15 -12.67 11.60
C LYS A 148 -0.79 -11.71 10.58
N LEU A 149 -1.71 -12.21 9.78
CA LEU A 149 -2.33 -11.38 8.76
C LEU A 149 -3.12 -10.24 9.36
N THR A 150 -2.87 -9.03 8.87
CA THR A 150 -3.61 -7.87 9.26
C THR A 150 -3.74 -6.97 8.03
N TRP A 151 -4.51 -5.91 8.18
CA TRP A 151 -4.72 -4.95 7.09
C TRP A 151 -3.38 -4.30 6.72
N GLY A 152 -2.43 -4.28 7.65
CA GLY A 152 -1.10 -3.73 7.30
C GLY A 152 -0.35 -4.55 6.25
N ASP A 153 -0.61 -5.86 6.19
CA ASP A 153 -0.01 -6.65 5.11
C ASP A 153 -0.56 -6.27 3.73
N PHE A 154 -1.84 -5.87 3.67
CA PHE A 154 -2.44 -5.45 2.43
C PHE A 154 -1.90 -4.10 1.96
N VAL A 155 -1.66 -3.20 2.92
CA VAL A 155 -1.02 -1.91 2.61
C VAL A 155 0.35 -2.21 2.04
N TYR A 156 1.10 -3.06 2.72
CA TYR A 156 2.46 -3.41 2.23
C TYR A 156 2.39 -4.05 0.85
N ALA A 157 1.53 -5.05 0.69
CA ALA A 157 1.44 -5.76 -0.58
C ALA A 157 1.06 -4.82 -1.73
N GLY A 158 0.12 -3.93 -1.46
CA GLY A 158 -0.40 -3.03 -2.50
C GLY A 158 0.68 -2.06 -2.97
N MET A 159 1.53 -1.59 -2.06
CA MET A 159 2.51 -0.55 -2.42
C MET A 159 3.91 -1.01 -2.71
N TYR A 160 4.19 -2.30 -2.54
CA TYR A 160 5.56 -2.80 -2.56
C TYR A 160 6.28 -2.47 -3.86
N ASP A 161 5.64 -2.72 -5.00
CA ASP A 161 6.33 -2.43 -6.28
C ASP A 161 6.57 -0.95 -6.49
N TYR A 162 5.60 -0.11 -6.06
CA TYR A 162 5.71 1.32 -6.18
C TYR A 162 6.90 1.77 -5.33
N LEU A 163 7.01 1.17 -4.15
CA LEU A 163 8.12 1.55 -3.26
C LEU A 163 9.44 1.20 -3.90
N LYS A 164 9.53 -0.04 -4.36
CA LYS A 164 10.75 -0.46 -5.04
C LYS A 164 11.06 0.43 -6.25
N ALA A 165 10.07 0.73 -7.08
CA ALA A 165 10.32 1.61 -8.21
C ALA A 165 10.89 2.96 -7.72
N MET A 166 10.43 3.42 -6.56
CA MET A 166 10.91 4.75 -6.10
C MET A 166 12.29 4.61 -5.48
N LEU A 167 12.54 3.50 -4.79
CA LEU A 167 13.83 3.31 -4.13
C LEU A 167 14.92 3.14 -5.19
N GLN A 168 14.52 2.71 -6.38
CA GLN A 168 15.49 2.36 -7.41
C GLN A 168 16.41 1.28 -6.85
N LYS A 169 15.80 0.34 -6.16
CA LYS A 169 16.36 -0.98 -5.90
C LYS A 169 15.31 -2.04 -6.23
N PRO A 170 15.17 -2.40 -7.51
CA PRO A 170 14.34 -3.53 -7.91
C PRO A 170 14.83 -4.84 -7.29
N ASP A 171 16.12 -4.86 -6.94
CA ASP A 171 16.78 -6.02 -6.37
C ASP A 171 16.73 -6.00 -4.84
N LEU A 172 15.73 -5.36 -4.26
CA LEU A 172 15.74 -5.13 -2.81
C LEU A 172 15.74 -6.46 -2.04
N GLU A 173 14.82 -7.34 -2.41
CA GLU A 173 14.62 -8.56 -1.67
C GLU A 173 15.70 -9.66 -1.87
N GLN A 174 16.77 -9.39 -2.62
CA GLN A 174 17.92 -10.28 -2.66
C GLN A 174 18.74 -10.20 -1.38
N LYS A 175 18.91 -9.00 -0.84
CA LYS A 175 19.60 -8.88 0.42
C LYS A 175 18.64 -9.20 1.54
N TYR A 176 17.35 -8.95 1.28
CA TYR A 176 16.35 -9.00 2.31
C TYR A 176 15.16 -9.87 1.83
N PRO A 177 15.36 -11.19 1.79
CA PRO A 177 14.31 -12.10 1.31
C PRO A 177 13.06 -12.01 2.19
N ALA A 178 13.17 -11.54 3.42
CA ALA A 178 11.93 -11.35 4.21
C ALA A 178 10.98 -10.36 3.56
N PHE A 179 11.47 -9.43 2.74
CA PHE A 179 10.65 -8.34 2.27
C PHE A 179 9.55 -8.90 1.35
N ARG A 180 9.71 -10.12 0.87
CA ARG A 180 8.68 -10.68 -0.04
C ARG A 180 7.53 -11.25 0.78
N LYS A 181 7.77 -11.48 2.06
CA LYS A 181 6.81 -12.35 2.77
C LYS A 181 5.37 -11.84 3.00
N PRO A 182 5.18 -10.56 3.29
CA PRO A 182 3.80 -10.09 3.45
C PRO A 182 2.99 -10.25 2.15
N ILE A 183 3.68 -10.10 1.02
CA ILE A 183 3.02 -10.29 -0.28
C ILE A 183 2.60 -11.74 -0.42
N GLU A 184 3.50 -12.64 -0.05
CA GLU A 184 3.16 -14.07 -0.09
C GLU A 184 1.96 -14.39 0.80
N ALA A 185 1.91 -13.80 1.99
CA ALA A 185 0.80 -14.03 2.91
C ALA A 185 -0.52 -13.60 2.32
N VAL A 186 -0.56 -12.42 1.69
CA VAL A 186 -1.80 -11.95 1.05
C VAL A 186 -2.12 -12.79 -0.17
N LEU A 187 -1.12 -13.13 -1.00
CA LEU A 187 -1.42 -13.88 -2.25
C LEU A 187 -1.74 -15.34 -1.99
N ALA A 188 -1.54 -15.77 -0.74
CA ALA A 188 -1.86 -17.15 -0.40
C ALA A 188 -3.36 -17.32 -0.18
N ILE A 189 -4.09 -16.21 -0.11
CA ILE A 189 -5.52 -16.24 0.19
C ILE A 189 -6.31 -16.45 -1.09
N PRO A 190 -7.07 -17.55 -1.17
CA PRO A 190 -7.62 -17.85 -2.48
C PRO A 190 -8.34 -16.73 -3.21
N LYS A 191 -9.29 -16.06 -2.57
CA LYS A 191 -10.04 -14.95 -3.18
C LYS A 191 -9.09 -13.88 -3.68
N VAL A 192 -8.06 -13.62 -2.88
CA VAL A 192 -7.15 -12.52 -3.22
C VAL A 192 -6.31 -12.94 -4.45
N LYS A 193 -5.75 -14.13 -4.40
CA LYS A 193 -5.00 -14.70 -5.52
C LYS A 193 -5.89 -14.69 -6.77
N ALA A 194 -7.13 -15.12 -6.63
CA ALA A 194 -8.07 -15.09 -7.74
C ALA A 194 -8.26 -13.66 -8.33
N TYR A 195 -8.41 -12.64 -7.47
CA TYR A 195 -8.51 -11.27 -7.97
C TYR A 195 -7.20 -10.88 -8.66
N VAL A 196 -6.08 -11.10 -8.01
CA VAL A 196 -4.81 -10.70 -8.59
C VAL A 196 -4.57 -11.40 -9.94
N ASP A 197 -4.95 -12.68 -10.04
CA ASP A 197 -4.71 -13.42 -11.29
C ASP A 197 -5.55 -12.80 -12.41
N ALA A 198 -6.71 -12.28 -12.04
CA ALA A 198 -7.64 -11.71 -13.01
C ALA A 198 -7.37 -10.24 -13.31
N ALA A 199 -6.52 -9.59 -12.52
CA ALA A 199 -6.39 -8.13 -12.58
C ALA A 199 -5.24 -7.66 -13.48
N PRO A 200 -5.30 -6.42 -13.99
CA PRO A 200 -4.16 -5.97 -14.79
C PRO A 200 -2.90 -5.86 -13.92
N ARG A 201 -1.72 -5.91 -14.57
CA ARG A 201 -0.43 -5.77 -13.88
C ARG A 201 0.15 -4.45 -14.22
N THR A 202 0.79 -3.79 -13.26
CA THR A 202 1.51 -2.60 -13.59
C THR A 202 2.83 -2.58 -12.81
N GLU A 203 3.78 -1.77 -13.23
CA GLU A 203 5.10 -1.88 -12.68
C GLU A 203 5.15 -1.15 -11.36
N LEU A 204 4.17 -0.28 -11.13
CA LEU A 204 4.05 0.30 -9.80
C LEU A 204 2.58 0.44 -9.34
#